data_7NPB
#
_entry.id   7NPB
#
_cell.length_a   82.177
_cell.length_b   111.826
_cell.length_c   62.766
_cell.angle_alpha   90.000
_cell.angle_beta   90.000
_cell.angle_gamma   90.000
#
_symmetry.space_group_name_H-M   'C 2 2 21'
#
loop_
_entity.id
_entity.type
_entity.pdbx_description
1 polymer '14-3-3 protein sigma'
2 polymer 'Amot-p130 phosphopeptide (pS175)'
3 non-polymer 5-[1-(2-azanylethyl)imidazol-4-yl]-4-phenyl-thiophene-2-carboximidamide
4 non-polymer 'CALCIUM ION'
5 non-polymer 'CHLORIDE ION'
6 water water
#
loop_
_entity_poly.entity_id
_entity_poly.type
_entity_poly.pdbx_seq_one_letter_code
_entity_poly.pdbx_strand_id
1 'polypeptide(L)'
;GAMGSMERASLIQKAKLAEQAERYEDMAAFMKGAVEKGEELS(CSO)EERNLLSVAYKNVVGGQRAAWRVLSSIEQKSNE
EGSEEKGPEVREYREKVETELQGVCDTVLGLLDSHLIKEAGDAESRVFYLKMKGDYYRYLAEVATGDDKKRIIDSARSAY
QEAMDISKKEMPPTNPIRLGLALNFSVFHYEIANSPEEAISLAKTTFDEAMADLHTLSEDSYKDSTLIMQLLRDNLTLWT
ADNAGEEGGEAPQEPQS
;
A
2 'polypeptide(L)' GHVRSL(SEP)ERLMQMSLATSGV P
#
# COMPACT_ATOMS: atom_id res chain seq x y z
N GLY A 1 -0.46 7.23 24.20
CA GLY A 1 -1.53 7.10 23.18
C GLY A 1 -2.84 6.76 23.88
N ALA A 2 -3.96 7.12 23.25
CA ALA A 2 -5.26 6.87 23.84
C ALA A 2 -5.54 5.38 24.01
N MET A 3 -4.80 4.52 23.32
CA MET A 3 -4.96 3.07 23.47
C MET A 3 -4.00 2.45 24.48
N GLY A 4 -3.18 3.28 25.15
CA GLY A 4 -2.19 2.77 26.06
C GLY A 4 -2.72 1.98 27.24
N SER A 5 -3.97 2.26 27.65
CA SER A 5 -4.55 1.52 28.77
C SER A 5 -5.29 0.25 28.38
N MET A 6 -5.42 -0.05 27.09
CA MET A 6 -6.16 -1.22 26.66
C MET A 6 -5.22 -2.38 26.39
N GLU A 7 -5.61 -3.58 26.83
CA GLU A 7 -4.83 -4.78 26.58
C GLU A 7 -4.60 -4.99 25.10
N ARG A 8 -3.42 -5.53 24.77
CA ARG A 8 -3.11 -5.90 23.39
C ARG A 8 -4.19 -6.79 22.80
N ALA A 9 -4.59 -7.85 23.53
CA ALA A 9 -5.55 -8.78 22.96
C ALA A 9 -6.90 -8.11 22.71
N SER A 10 -7.28 -7.21 23.60
CA SER A 10 -8.54 -6.47 23.41
C SER A 10 -8.48 -5.53 22.22
N LEU A 11 -7.34 -4.90 21.98
CA LEU A 11 -7.18 -4.07 20.79
C LEU A 11 -7.34 -4.89 19.52
N ILE A 12 -6.75 -6.08 19.47
CA ILE A 12 -6.87 -6.94 18.31
CA ILE A 12 -6.88 -6.91 18.29
C ILE A 12 -8.31 -7.40 18.13
N GLN A 13 -8.96 -7.80 19.23
CA GLN A 13 -10.37 -8.19 19.15
C GLN A 13 -11.22 -7.06 18.61
N LYS A 14 -11.01 -5.83 19.11
CA LYS A 14 -11.80 -4.71 18.66
C LYS A 14 -11.46 -4.32 17.23
N ALA A 15 -10.22 -4.47 16.80
CA ALA A 15 -9.91 -4.25 15.38
C ALA A 15 -10.74 -5.16 14.50
N LYS A 16 -10.90 -6.43 14.90
CA LYS A 16 -11.69 -7.38 14.12
C LYS A 16 -13.15 -6.97 14.09
N LEU A 17 -13.68 -6.50 15.23
CA LEU A 17 -15.06 -6.01 15.29
C LEU A 17 -15.24 -4.78 14.42
N ALA A 18 -14.29 -3.85 14.47
CA ALA A 18 -14.36 -2.66 13.67
C ALA A 18 -14.37 -3.00 12.19
N GLU A 19 -13.56 -3.97 11.77
CA GLU A 19 -13.60 -4.44 10.39
C GLU A 19 -15.00 -4.91 10.01
N GLN A 20 -15.62 -5.73 10.85
CA GLN A 20 -16.95 -6.24 10.54
CA GLN A 20 -16.95 -6.24 10.56
C GLN A 20 -17.97 -5.11 10.45
N ALA A 21 -17.79 -4.07 11.24
CA ALA A 21 -18.68 -2.90 11.26
C ALA A 21 -18.30 -1.85 10.22
N GLU A 22 -17.28 -2.13 9.42
CA GLU A 22 -16.77 -1.19 8.41
C GLU A 22 -16.39 0.17 9.02
N ARG A 23 -15.79 0.12 10.21
CA ARG A 23 -15.30 1.29 10.92
C ARG A 23 -13.78 1.28 10.84
N TYR A 24 -13.27 1.68 9.68
CA TYR A 24 -11.85 1.49 9.41
C TYR A 24 -10.95 2.48 10.14
N GLU A 25 -11.42 3.70 10.40
CA GLU A 25 -10.66 4.61 11.23
C GLU A 25 -10.48 4.01 12.63
N ASP A 26 -11.54 3.48 13.21
CA ASP A 26 -11.40 2.82 14.51
C ASP A 26 -10.44 1.64 14.40
N MET A 27 -10.61 0.85 13.36
CA MET A 27 -9.75 -0.33 13.16
C MET A 27 -8.28 0.07 13.14
N ALA A 28 -7.97 1.15 12.41
CA ALA A 28 -6.58 1.60 12.34
C ALA A 28 -6.09 2.10 13.70
N ALA A 29 -6.92 2.83 14.44
CA ALA A 29 -6.51 3.28 15.76
C ALA A 29 -6.24 2.10 16.69
N PHE A 30 -7.07 1.06 16.64
CA PHE A 30 -6.84 -0.11 17.47
C PHE A 30 -5.53 -0.79 17.09
N MET A 31 -5.28 -0.96 15.79
CA MET A 31 -4.06 -1.63 15.36
C MET A 31 -2.82 -0.80 15.66
N LYS A 32 -2.89 0.53 15.52
CA LYS A 32 -1.79 1.38 15.97
C LYS A 32 -1.51 1.16 17.46
N GLY A 33 -2.56 1.11 18.27
CA GLY A 33 -2.38 0.82 19.68
C GLY A 33 -1.70 -0.53 19.89
N ALA A 34 -2.11 -1.55 19.11
CA ALA A 34 -1.50 -2.86 19.25
C ALA A 34 -0.02 -2.83 18.88
N VAL A 35 0.33 -2.16 17.78
CA VAL A 35 1.74 -2.06 17.41
C VAL A 35 2.52 -1.39 18.51
N GLU A 36 1.95 -0.34 19.11
CA GLU A 36 2.68 0.43 20.11
C GLU A 36 2.89 -0.35 21.41
N LYS A 37 2.28 -1.52 21.57
CA LYS A 37 2.63 -2.37 22.70
C LYS A 37 4.08 -2.86 22.61
N GLY A 38 4.67 -2.84 21.43
CA GLY A 38 6.08 -3.15 21.28
C GLY A 38 6.38 -4.58 20.89
N GLU A 39 5.42 -5.47 20.88
CA GLU A 39 5.64 -6.84 20.45
C GLU A 39 5.52 -6.93 18.93
N GLU A 40 6.22 -7.91 18.35
CA GLU A 40 6.04 -8.20 16.93
C GLU A 40 4.60 -8.62 16.64
N LEU A 41 4.22 -8.53 15.38
CA LEU A 41 2.88 -8.86 14.92
C LEU A 41 2.89 -10.21 14.20
N SER A 42 1.88 -11.01 14.46
CA SER A 42 1.67 -12.24 13.71
C SER A 42 1.19 -11.94 12.30
N GLU A 44 -1.66 -12.70 10.86
CA GLU A 44 -3.03 -12.19 10.88
C GLU A 44 -3.02 -10.72 11.33
N GLU A 45 -2.23 -10.41 12.35
CA GLU A 45 -2.19 -9.04 12.87
C GLU A 45 -1.59 -8.07 11.85
N ARG A 46 -0.57 -8.50 11.11
CA ARG A 46 -0.01 -7.65 10.06
C ARG A 46 -1.08 -7.33 9.02
N ASN A 47 -1.87 -8.34 8.65
CA ASN A 47 -2.92 -8.09 7.67
C ASN A 47 -4.02 -7.21 8.23
N LEU A 48 -4.35 -7.32 9.51
CA LEU A 48 -5.31 -6.40 10.09
C LEU A 48 -4.81 -4.96 10.03
N LEU A 49 -3.53 -4.76 10.32
CA LEU A 49 -2.93 -3.43 10.24
C LEU A 49 -3.04 -2.88 8.83
N SER A 50 -2.66 -3.68 7.83
CA SER A 50 -2.72 -3.23 6.45
C SER A 50 -4.13 -2.97 5.98
N VAL A 51 -5.08 -3.83 6.29
CA VAL A 51 -6.46 -3.63 5.88
C VAL A 51 -6.96 -2.31 6.42
N ALA A 52 -6.69 -2.03 7.69
CA ALA A 52 -7.23 -0.84 8.32
C ALA A 52 -6.71 0.41 7.62
N TYR A 53 -5.39 0.54 7.51
CA TYR A 53 -4.82 1.75 6.92
C TYR A 53 -5.07 1.84 5.43
N LYS A 54 -5.14 0.70 4.73
CA LYS A 54 -5.44 0.76 3.29
C LYS A 54 -6.82 1.33 3.06
N ASN A 55 -7.78 0.96 3.88
CA ASN A 55 -9.13 1.50 3.76
C ASN A 55 -9.16 2.98 4.11
N VAL A 56 -8.46 3.40 5.15
CA VAL A 56 -8.47 4.81 5.53
C VAL A 56 -7.83 5.63 4.41
N VAL A 57 -6.62 5.26 4.00
CA VAL A 57 -5.93 6.07 2.98
C VAL A 57 -6.64 5.95 1.65
N GLY A 58 -7.30 4.83 1.39
CA GLY A 58 -7.99 4.68 0.12
C GLY A 58 -9.13 5.67 -0.02
N GLY A 59 -9.86 5.92 1.05
CA GLY A 59 -10.90 6.93 1.00
C GLY A 59 -10.31 8.32 0.83
N GLN A 60 -9.18 8.59 1.48
CA GLN A 60 -8.53 9.89 1.33
C GLN A 60 -8.03 10.09 -0.09
N ARG A 61 -7.45 9.05 -0.69
CA ARG A 61 -6.95 9.17 -2.06
C ARG A 61 -8.09 9.40 -3.03
N ALA A 62 -9.20 8.70 -2.86
CA ALA A 62 -10.33 8.89 -3.74
C ALA A 62 -10.85 10.31 -3.63
N ALA A 63 -10.93 10.84 -2.42
CA ALA A 63 -11.41 12.22 -2.23
C ALA A 63 -10.42 13.21 -2.82
N TRP A 64 -9.13 13.01 -2.59
CA TRP A 64 -8.12 13.90 -3.15
C TRP A 64 -8.19 13.94 -4.66
N ARG A 65 -8.43 12.79 -5.31
CA ARG A 65 -8.51 12.77 -6.77
C ARG A 65 -9.71 13.56 -7.27
N VAL A 66 -10.85 13.44 -6.60
CA VAL A 66 -12.04 14.21 -6.98
C VAL A 66 -11.73 15.70 -6.90
N LEU A 67 -11.15 16.12 -5.77
CA LEU A 67 -10.89 17.53 -5.53
C LEU A 67 -9.81 18.06 -6.45
N SER A 68 -8.76 17.27 -6.71
CA SER A 68 -7.70 17.70 -7.61
C SER A 68 -8.24 17.90 -9.03
N SER A 69 -9.15 17.04 -9.46
CA SER A 69 -9.74 17.20 -10.79
C SER A 69 -10.57 18.47 -10.88
N ILE A 70 -11.37 18.76 -9.84
CA ILE A 70 -12.14 20.00 -9.81
C ILE A 70 -11.21 21.20 -9.85
N GLU A 71 -10.11 21.15 -9.10
CA GLU A 71 -9.16 22.24 -9.05
C GLU A 71 -8.52 22.46 -10.41
N GLN A 72 -8.17 21.37 -11.10
CA GLN A 72 -7.51 21.50 -12.40
C GLN A 72 -8.47 22.08 -13.44
N LYS A 73 -9.73 21.67 -13.40
CA LYS A 73 -10.73 22.28 -14.28
C LYS A 73 -10.87 23.77 -13.99
N SER A 74 -10.83 24.15 -12.72
CA SER A 74 -10.98 25.56 -12.36
C SER A 74 -9.82 26.41 -12.87
N ASN A 75 -8.68 25.79 -13.20
CA ASN A 75 -7.49 26.53 -13.63
C ASN A 75 -7.26 26.44 -15.13
N GLU A 76 -8.29 26.14 -15.91
CA GLU A 76 -8.19 26.15 -17.36
C GLU A 76 -8.47 27.56 -17.89
N GLU A 77 -7.91 27.87 -19.05
C GLU A 77 -10.53 28.84 -20.23
N GLY A 78 -11.12 29.91 -19.67
CA GLY A 78 -12.55 30.13 -19.75
C GLY A 78 -13.31 29.80 -18.48
N SER A 79 -12.61 29.37 -17.43
CA SER A 79 -13.24 28.94 -16.19
C SER A 79 -13.41 30.11 -15.25
N GLU A 80 -14.60 30.27 -14.70
CA GLU A 80 -14.88 31.37 -13.80
C GLU A 80 -14.06 31.20 -12.51
N GLU A 81 -13.44 32.29 -12.06
CA GLU A 81 -12.71 32.27 -10.80
C GLU A 81 -13.68 32.03 -9.65
N LYS A 82 -13.35 31.10 -8.77
CA LYS A 82 -14.23 30.70 -7.68
C LYS A 82 -13.62 30.96 -6.30
N GLY A 83 -12.45 31.59 -6.24
CA GLY A 83 -11.82 31.87 -4.97
C GLY A 83 -10.91 30.75 -4.53
N PRO A 84 -10.42 30.84 -3.30
CA PRO A 84 -9.41 29.90 -2.81
C PRO A 84 -9.97 28.58 -2.27
N GLU A 85 -11.28 28.39 -2.27
CA GLU A 85 -11.89 27.32 -1.50
C GLU A 85 -11.54 25.94 -2.02
N VAL A 86 -11.51 25.74 -3.35
CA VAL A 86 -11.19 24.41 -3.88
C VAL A 86 -9.77 24.02 -3.48
N ARG A 87 -8.81 24.92 -3.68
CA ARG A 87 -7.44 24.68 -3.27
C ARG A 87 -7.35 24.42 -1.77
N GLU A 88 -8.01 25.25 -0.96
CA GLU A 88 -7.92 25.07 0.48
C GLU A 88 -8.43 23.68 0.88
N TYR A 89 -9.56 23.26 0.32
CA TYR A 89 -10.14 21.99 0.75
C TYR A 89 -9.33 20.81 0.21
N ARG A 90 -8.82 20.91 -1.03
CA ARG A 90 -7.89 19.90 -1.52
C ARG A 90 -6.68 19.80 -0.61
N GLU A 91 -6.14 20.95 -0.19
CA GLU A 91 -5.01 20.98 0.72
C GLU A 91 -5.36 20.33 2.05
N LYS A 92 -6.58 20.55 2.55
CA LYS A 92 -6.98 19.97 3.83
C LYS A 92 -6.96 18.45 3.73
N VAL A 93 -7.59 17.91 2.70
CA VAL A 93 -7.61 16.46 2.52
C VAL A 93 -6.19 15.93 2.30
N GLU A 94 -5.39 16.64 1.51
CA GLU A 94 -4.02 16.23 1.26
C GLU A 94 -3.22 16.16 2.54
N THR A 95 -3.35 17.14 3.42
CA THR A 95 -2.62 17.15 4.66
C THR A 95 -3.04 15.99 5.55
N GLU A 96 -4.34 15.70 5.59
N GLU A 96 -4.32 15.65 5.56
CA GLU A 96 -4.81 14.55 6.36
CA GLU A 96 -4.76 14.52 6.40
C GLU A 96 -4.19 13.27 5.83
C GLU A 96 -4.29 13.19 5.83
N LEU A 97 -4.23 13.10 4.50
CA LEU A 97 -3.66 11.91 3.86
C LEU A 97 -2.18 11.77 4.17
N GLN A 98 -1.42 12.86 4.06
CA GLN A 98 -0.01 12.84 4.39
C GLN A 98 0.18 12.44 5.84
N GLY A 99 -0.69 12.91 6.72
CA GLY A 99 -0.57 12.56 8.12
C GLY A 99 -0.77 11.08 8.38
N VAL A 100 -1.74 10.46 7.69
CA VAL A 100 -1.94 9.02 7.82
C VAL A 100 -0.72 8.27 7.28
N CYS A 101 -0.20 8.68 6.11
CA CYS A 101 0.98 8.02 5.59
C CYS A 101 2.16 8.15 6.54
N ASP A 102 2.37 9.34 7.12
CA ASP A 102 3.46 9.54 8.06
C ASP A 102 3.28 8.66 9.29
N THR A 103 2.03 8.48 9.73
CA THR A 103 1.78 7.62 10.88
C THR A 103 2.18 6.18 10.58
N VAL A 104 1.77 5.67 9.42
CA VAL A 104 2.12 4.29 9.06
C VAL A 104 3.62 4.16 8.93
N LEU A 105 4.27 5.10 8.23
CA LEU A 105 5.71 5.05 8.08
C LEU A 105 6.40 5.11 9.43
N GLY A 106 5.82 5.86 10.37
CA GLY A 106 6.43 5.94 11.69
C GLY A 106 6.32 4.63 12.45
N LEU A 107 5.21 3.91 12.30
CA LEU A 107 5.09 2.59 12.92
C LEU A 107 6.10 1.63 12.32
N LEU A 108 6.26 1.66 10.99
CA LEU A 108 7.23 0.79 10.35
C LEU A 108 8.63 1.11 10.84
N ASP A 109 8.97 2.39 11.02
CA ASP A 109 10.31 2.78 11.44
C ASP A 109 10.53 2.63 12.94
N SER A 110 9.47 2.54 13.72
CA SER A 110 9.56 2.52 15.20
C SER A 110 8.53 1.53 15.73
N HIS A 111 8.81 0.23 15.66
CA HIS A 111 10.09 -0.38 15.27
C HIS A 111 9.83 -1.68 14.50
N LEU A 112 8.78 -1.69 13.68
CA LEU A 112 8.36 -2.95 13.08
C LEU A 112 9.42 -3.52 12.13
N ILE A 113 10.00 -2.71 11.26
CA ILE A 113 10.94 -3.23 10.28
C ILE A 113 12.18 -3.78 10.98
N LYS A 114 12.75 -3.02 11.91
CA LYS A 114 14.03 -3.43 12.48
C LYS A 114 13.91 -4.74 13.24
N GLU A 115 12.73 -5.08 13.73
CA GLU A 115 12.56 -6.34 14.45
C GLU A 115 12.10 -7.49 13.55
N ALA A 116 11.85 -7.23 12.27
CA ALA A 116 11.31 -8.23 11.36
C ALA A 116 12.45 -8.99 10.69
N GLY A 117 12.63 -10.25 11.06
CA GLY A 117 13.71 -11.06 10.53
C GLY A 117 13.27 -12.12 9.55
N ASP A 118 12.06 -12.63 9.68
CA ASP A 118 11.59 -13.63 8.74
C ASP A 118 11.18 -12.97 7.44
N ALA A 119 11.32 -13.69 6.32
CA ALA A 119 10.99 -13.07 5.05
C ALA A 119 9.54 -12.60 4.98
N GLU A 120 8.61 -13.37 5.53
CA GLU A 120 7.20 -13.02 5.38
C GLU A 120 6.87 -11.73 6.11
N SER A 121 7.53 -11.46 7.23
CA SER A 121 7.27 -10.20 7.93
C SER A 121 8.08 -9.07 7.32
N ARG A 122 9.35 -9.30 7.03
CA ARG A 122 10.20 -8.22 6.54
C ARG A 122 9.76 -7.73 5.17
N VAL A 123 9.46 -8.66 4.26
CA VAL A 123 8.96 -8.27 2.94
C VAL A 123 7.63 -7.53 3.05
N PHE A 124 6.73 -8.03 3.91
CA PHE A 124 5.44 -7.37 4.11
CA PHE A 124 5.45 -7.37 4.11
C PHE A 124 5.63 -5.91 4.52
N TYR A 125 6.49 -5.66 5.49
CA TYR A 125 6.69 -4.30 6.01
C TYR A 125 7.40 -3.41 5.02
N LEU A 126 8.41 -3.93 4.33
CA LEU A 126 9.10 -3.12 3.33
C LEU A 126 8.18 -2.78 2.17
N LYS A 127 7.34 -3.73 1.74
CA LYS A 127 6.30 -3.43 0.76
C LYS A 127 5.40 -2.31 1.25
N MET A 128 4.94 -2.39 2.50
CA MET A 128 4.10 -1.34 3.05
C MET A 128 4.81 0.00 3.03
N LYS A 129 6.09 0.02 3.37
CA LYS A 129 6.86 1.25 3.32
C LYS A 129 6.85 1.83 1.90
N GLY A 130 7.07 0.97 0.90
CA GLY A 130 6.99 1.43 -0.48
C GLY A 130 5.62 1.97 -0.83
N ASP A 131 4.58 1.28 -0.40
CA ASP A 131 3.20 1.70 -0.70
C ASP A 131 2.91 3.08 -0.13
N TYR A 132 3.27 3.33 1.13
CA TYR A 132 2.88 4.61 1.76
C TYR A 132 3.76 5.75 1.25
N TYR A 133 5.02 5.49 0.88
CA TYR A 133 5.76 6.50 0.13
C TYR A 133 5.15 6.74 -1.24
N ARG A 134 4.62 5.69 -1.87
CA ARG A 134 3.95 5.86 -3.16
C ARG A 134 2.73 6.75 -3.01
N TYR A 135 1.94 6.55 -1.96
CA TYR A 135 0.79 7.43 -1.73
C TYR A 135 1.23 8.86 -1.48
N LEU A 136 2.32 9.07 -0.73
CA LEU A 136 2.88 10.41 -0.60
C LEU A 136 3.29 10.98 -1.96
N ALA A 137 3.90 10.13 -2.81
CA ALA A 137 4.36 10.62 -4.12
C ALA A 137 3.19 11.04 -4.99
N GLU A 138 2.04 10.41 -4.86
CA GLU A 138 0.88 10.74 -5.68
C GLU A 138 0.47 12.20 -5.51
N VAL A 139 0.73 12.78 -4.33
CA VAL A 139 0.29 14.17 -4.04
C VAL A 139 1.45 15.13 -3.97
N ALA A 140 2.68 14.68 -4.17
CA ALA A 140 3.87 15.50 -4.01
C ALA A 140 4.12 16.34 -5.25
N THR A 141 4.64 17.55 -5.02
CA THR A 141 4.87 18.52 -6.09
C THR A 141 6.12 19.38 -5.86
N GLY A 142 6.61 19.43 -4.63
CA GLY A 142 7.66 20.38 -4.26
C GLY A 142 9.06 19.87 -4.48
N ASP A 143 9.99 20.41 -3.71
CA ASP A 143 11.40 19.99 -3.76
C ASP A 143 11.62 18.63 -3.11
N ASP A 144 10.53 17.91 -2.83
CA ASP A 144 10.58 16.63 -2.17
C ASP A 144 10.04 15.49 -3.02
N LYS A 145 9.35 15.79 -4.12
CA LYS A 145 8.78 14.74 -4.95
C LYS A 145 9.84 13.73 -5.36
N LYS A 146 11.02 14.18 -5.80
CA LYS A 146 12.04 13.24 -6.24
C LYS A 146 12.52 12.37 -5.10
N ARG A 147 12.72 12.96 -3.91
CA ARG A 147 13.22 12.17 -2.80
C ARG A 147 12.13 11.21 -2.29
N ILE A 148 10.87 11.62 -2.35
CA ILE A 148 9.79 10.72 -1.94
C ILE A 148 9.70 9.54 -2.89
N ILE A 149 9.83 9.79 -4.19
CA ILE A 149 9.81 8.71 -5.17
C ILE A 149 10.97 7.76 -4.93
N ASP A 150 12.15 8.30 -4.65
CA ASP A 150 13.28 7.40 -4.45
CA ASP A 150 13.33 7.48 -4.39
C ASP A 150 13.13 6.60 -3.16
N SER A 151 12.48 7.15 -2.12
CA SER A 151 12.22 6.38 -0.92
C SER A 151 11.27 5.22 -1.20
N ALA A 152 10.23 5.45 -2.00
CA ALA A 152 9.35 4.36 -2.39
C ALA A 152 10.13 3.29 -3.17
N ARG A 153 10.89 3.72 -4.16
CA ARG A 153 11.66 2.80 -4.98
CA ARG A 153 11.67 2.80 -4.99
C ARG A 153 12.60 1.97 -4.13
N SER A 154 13.31 2.60 -3.20
CA SER A 154 14.30 1.90 -2.39
C SER A 154 13.66 0.84 -1.51
N ALA A 155 12.51 1.16 -0.91
CA ALA A 155 11.81 0.18 -0.08
C ALA A 155 11.30 -1.00 -0.91
N TYR A 156 10.68 -0.71 -2.06
CA TYR A 156 10.23 -1.79 -2.93
C TYR A 156 11.39 -2.66 -3.41
N GLN A 157 12.53 -2.03 -3.73
CA GLN A 157 13.67 -2.79 -4.25
C GLN A 157 14.23 -3.72 -3.18
N GLU A 158 14.36 -3.24 -1.94
CA GLU A 158 14.84 -4.11 -0.88
C GLU A 158 13.89 -5.26 -0.66
N ALA A 159 12.59 -4.98 -0.68
CA ALA A 159 11.60 -6.04 -0.53
C ALA A 159 11.70 -7.05 -1.67
N MET A 160 11.89 -6.55 -2.90
CA MET A 160 12.00 -7.45 -4.05
C MET A 160 13.21 -8.35 -3.90
N ASP A 161 14.33 -7.79 -3.48
CA ASP A 161 15.56 -8.58 -3.41
C ASP A 161 15.38 -9.71 -2.41
N ILE A 162 14.77 -9.43 -1.24
CA ILE A 162 14.53 -10.48 -0.25
C ILE A 162 13.52 -11.49 -0.79
N SER A 163 12.44 -11.01 -1.41
CA SER A 163 11.38 -11.91 -1.85
C SER A 163 11.89 -12.89 -2.89
N LYS A 164 12.77 -12.46 -3.79
CA LYS A 164 13.25 -13.35 -4.83
C LYS A 164 14.20 -14.39 -4.26
N LYS A 165 14.93 -14.07 -3.19
CA LYS A 165 15.83 -15.02 -2.58
C LYS A 165 15.10 -16.00 -1.66
N GLU A 166 14.05 -15.55 -0.98
CA GLU A 166 13.51 -16.29 0.15
C GLU A 166 12.11 -16.85 -0.04
N MET A 167 11.39 -16.48 -1.11
CA MET A 167 10.02 -16.90 -1.31
C MET A 167 9.83 -17.50 -2.68
N PRO A 168 8.91 -18.46 -2.81
CA PRO A 168 8.58 -18.98 -4.14
C PRO A 168 7.84 -17.94 -4.97
N PRO A 169 7.86 -18.09 -6.30
CA PRO A 169 7.26 -17.09 -7.17
C PRO A 169 5.77 -16.95 -7.03
N THR A 170 5.10 -17.92 -6.40
CA THR A 170 3.67 -17.83 -6.19
C THR A 170 3.29 -17.27 -4.83
N ASN A 171 4.25 -17.00 -3.96
CA ASN A 171 3.92 -16.50 -2.63
C ASN A 171 3.06 -15.24 -2.76
N PRO A 172 1.92 -15.17 -2.07
CA PRO A 172 1.03 -14.01 -2.29
C PRO A 172 1.63 -12.67 -1.89
N ILE A 173 2.51 -12.64 -0.89
CA ILE A 173 3.19 -11.39 -0.54
C ILE A 173 4.13 -10.99 -1.66
N ARG A 174 4.92 -11.93 -2.16
CA ARG A 174 5.80 -11.66 -3.28
C ARG A 174 5.03 -11.16 -4.49
N LEU A 175 3.88 -11.78 -4.79
CA LEU A 175 3.06 -11.34 -5.90
C LEU A 175 2.50 -9.96 -5.69
N GLY A 176 1.95 -9.69 -4.49
CA GLY A 176 1.40 -8.37 -4.24
C GLY A 176 2.45 -7.27 -4.28
N LEU A 177 3.65 -7.59 -3.80
CA LEU A 177 4.77 -6.66 -3.91
C LEU A 177 5.09 -6.35 -5.35
N ALA A 178 5.26 -7.38 -6.18
CA ALA A 178 5.59 -7.16 -7.58
C ALA A 178 4.49 -6.37 -8.27
N LEU A 179 3.24 -6.71 -8.00
CA LEU A 179 2.12 -5.96 -8.53
C LEU A 179 2.24 -4.47 -8.18
N ASN A 180 2.45 -4.17 -6.89
CA ASN A 180 2.49 -2.76 -6.48
C ASN A 180 3.73 -2.04 -6.99
N PHE A 181 4.88 -2.73 -7.09
CA PHE A 181 6.06 -2.11 -7.67
C PHE A 181 5.83 -1.82 -9.15
N SER A 182 5.10 -2.71 -9.84
CA SER A 182 4.79 -2.44 -11.25
C SER A 182 3.91 -1.21 -11.38
N VAL A 183 2.94 -1.05 -10.46
CA VAL A 183 2.10 0.16 -10.44
C VAL A 183 2.95 1.39 -10.17
N PHE A 184 3.87 1.30 -9.21
CA PHE A 184 4.82 2.38 -8.98
C PHE A 184 5.52 2.78 -10.29
N HIS A 185 6.07 1.79 -11.02
CA HIS A 185 6.78 2.11 -12.25
C HIS A 185 5.88 2.82 -13.25
N TYR A 186 4.64 2.35 -13.41
CA TYR A 186 3.75 2.88 -14.43
C TYR A 186 3.19 4.25 -14.05
N GLU A 187 2.76 4.40 -12.80
N GLU A 187 2.72 4.38 -12.80
CA GLU A 187 1.97 5.55 -12.40
CA GLU A 187 1.97 5.57 -12.37
C GLU A 187 2.77 6.63 -11.69
C GLU A 187 2.85 6.67 -11.81
N ILE A 188 3.94 6.31 -11.16
CA ILE A 188 4.76 7.25 -10.41
C ILE A 188 6.06 7.57 -11.11
N ALA A 189 6.78 6.55 -11.54
CA ALA A 189 8.15 6.71 -12.01
C ALA A 189 8.24 6.95 -13.52
N ASN A 190 7.12 7.07 -14.21
CA ASN A 190 7.15 7.31 -15.66
C ASN A 190 7.94 6.24 -16.41
N SER A 191 7.79 4.98 -15.98
CA SER A 191 8.53 3.85 -16.53
C SER A 191 7.55 2.77 -16.94
N PRO A 192 6.71 3.02 -17.93
CA PRO A 192 5.72 1.99 -18.32
C PRO A 192 6.37 0.71 -18.83
N GLU A 193 7.50 0.80 -19.53
CA GLU A 193 8.12 -0.44 -20.01
C GLU A 193 8.61 -1.29 -18.84
N GLU A 194 9.19 -0.68 -17.81
CA GLU A 194 9.61 -1.44 -16.63
C GLU A 194 8.40 -2.08 -15.97
N ALA A 195 7.30 -1.34 -15.88
CA ALA A 195 6.08 -1.88 -15.29
C ALA A 195 5.60 -3.11 -16.04
N ILE A 196 5.56 -3.02 -17.36
CA ILE A 196 5.09 -4.13 -18.20
C ILE A 196 6.02 -5.33 -18.06
N SER A 197 7.32 -5.09 -18.10
CA SER A 197 8.28 -6.19 -18.00
C SER A 197 8.15 -6.89 -16.66
N LEU A 198 8.03 -6.12 -15.57
CA LEU A 198 7.92 -6.73 -14.26
CA LEU A 198 7.91 -6.73 -14.26
C LEU A 198 6.63 -7.53 -14.13
N ALA A 199 5.52 -6.99 -14.60
CA ALA A 199 4.27 -7.72 -14.51
C ALA A 199 4.32 -9.00 -15.31
N LYS A 200 4.89 -8.96 -16.51
CA LYS A 200 4.97 -10.16 -17.35
C LYS A 200 5.86 -11.21 -16.71
N THR A 201 7.06 -10.84 -16.30
CA THR A 201 7.95 -11.84 -15.71
C THR A 201 7.35 -12.41 -14.45
N THR A 202 6.72 -11.57 -13.63
CA THR A 202 6.12 -12.05 -12.39
C THR A 202 5.02 -13.06 -12.70
N PHE A 203 4.14 -12.73 -13.65
CA PHE A 203 3.05 -13.61 -14.00
C PHE A 203 3.56 -14.94 -14.52
N ASP A 204 4.53 -14.89 -15.41
CA ASP A 204 5.03 -16.11 -16.05
C ASP A 204 5.75 -17.02 -15.05
N GLU A 205 6.53 -16.44 -14.14
CA GLU A 205 7.23 -17.25 -13.15
C GLU A 205 6.26 -17.84 -12.15
N ALA A 206 5.20 -17.12 -11.81
CA ALA A 206 4.16 -17.68 -10.95
C ALA A 206 3.43 -18.82 -11.65
N MET A 207 3.06 -18.62 -12.92
N MET A 207 3.05 -18.61 -12.92
CA MET A 207 2.38 -19.67 -13.68
CA MET A 207 2.40 -19.65 -13.71
C MET A 207 3.13 -20.98 -13.58
C MET A 207 3.13 -20.98 -13.57
N ALA A 208 4.44 -20.94 -13.74
CA ALA A 208 5.26 -22.13 -13.78
C ALA A 208 5.42 -22.79 -12.44
N ASP A 209 5.02 -22.13 -11.34
CA ASP A 209 5.14 -22.69 -9.99
C ASP A 209 3.78 -23.11 -9.44
N LEU A 210 2.68 -22.87 -10.15
CA LEU A 210 1.36 -23.21 -9.64
C LEU A 210 1.22 -24.71 -9.37
N HIS A 211 1.92 -25.55 -10.14
CA HIS A 211 1.78 -27.00 -10.01
C HIS A 211 2.17 -27.51 -8.63
N THR A 212 2.92 -26.71 -7.86
CA THR A 212 3.40 -27.13 -6.55
C THR A 212 2.39 -26.89 -5.44
N LEU A 213 1.27 -26.25 -5.71
CA LEU A 213 0.38 -25.68 -4.72
C LEU A 213 -0.85 -26.53 -4.48
N SER A 214 -1.36 -26.46 -3.26
CA SER A 214 -2.65 -27.00 -2.92
C SER A 214 -3.76 -26.20 -3.59
N GLU A 215 -4.97 -26.73 -3.55
CA GLU A 215 -6.11 -26.04 -4.14
C GLU A 215 -6.28 -24.65 -3.52
N ASP A 216 -6.15 -24.55 -2.19
CA ASP A 216 -6.41 -23.28 -1.53
C ASP A 216 -5.31 -22.26 -1.85
N SER A 217 -4.05 -22.70 -1.87
CA SER A 217 -2.96 -21.78 -2.23
C SER A 217 -3.06 -21.39 -3.71
N TYR A 218 -3.45 -22.31 -4.57
CA TYR A 218 -3.66 -22.00 -5.97
C TYR A 218 -4.68 -20.88 -6.13
N LYS A 219 -5.77 -20.96 -5.37
CA LYS A 219 -6.79 -19.92 -5.45
C LYS A 219 -6.21 -18.57 -5.02
N ASP A 220 -5.46 -18.56 -3.91
CA ASP A 220 -4.86 -17.33 -3.42
C ASP A 220 -3.94 -16.71 -4.47
N SER A 221 -3.04 -17.53 -5.04
CA SER A 221 -2.05 -16.99 -5.96
C SER A 221 -2.68 -16.54 -7.27
N THR A 222 -3.60 -17.34 -7.82
CA THR A 222 -4.17 -16.98 -9.11
C THR A 222 -5.02 -15.72 -9.01
N LEU A 223 -5.59 -15.44 -7.84
CA LEU A 223 -6.38 -14.23 -7.71
C LEU A 223 -5.50 -13.00 -7.91
N ILE A 224 -4.30 -13.01 -7.36
CA ILE A 224 -3.39 -11.88 -7.52
C ILE A 224 -2.80 -11.85 -8.91
N MET A 225 -2.51 -13.03 -9.48
CA MET A 225 -2.05 -13.07 -10.84
C MET A 225 -3.03 -12.41 -11.80
N GLN A 226 -4.33 -12.53 -11.53
CA GLN A 226 -5.32 -11.93 -12.40
C GLN A 226 -5.18 -10.42 -12.43
N LEU A 227 -4.80 -9.80 -11.30
CA LEU A 227 -4.57 -8.36 -11.29
C LEU A 227 -3.37 -7.97 -12.16
N LEU A 228 -2.29 -8.77 -12.12
CA LEU A 228 -1.18 -8.53 -13.03
C LEU A 228 -1.66 -8.57 -14.48
N ARG A 229 -2.48 -9.58 -14.80
CA ARG A 229 -3.00 -9.72 -16.16
C ARG A 229 -3.89 -8.55 -16.53
N ASP A 230 -4.76 -8.12 -15.62
CA ASP A 230 -5.64 -7.00 -15.91
C ASP A 230 -4.85 -5.73 -16.21
N ASN A 231 -3.79 -5.48 -15.42
CA ASN A 231 -2.95 -4.32 -15.70
C ASN A 231 -2.26 -4.46 -17.06
N LEU A 232 -1.72 -5.64 -17.37
CA LEU A 232 -1.08 -5.82 -18.66
C LEU A 232 -2.07 -5.56 -19.79
N THR A 233 -3.32 -5.92 -19.61
CA THR A 233 -4.33 -5.63 -20.63
C THR A 233 -4.58 -4.13 -20.76
N LEU A 234 -4.59 -3.42 -19.64
CA LEU A 234 -4.77 -1.98 -19.69
C LEU A 234 -3.55 -1.27 -20.28
N TRP A 235 -2.35 -1.79 -20.03
CA TRP A 235 -1.11 -1.11 -20.38
C TRP A 235 -0.62 -1.43 -21.78
N THR A 236 -1.16 -2.47 -22.41
CA THR A 236 -0.76 -2.88 -23.75
C THR A 236 -2.00 -2.94 -24.64
N VAL B 3 -7.62 5.19 -17.34
CA VAL B 3 -8.00 4.24 -16.28
C VAL B 3 -6.76 3.92 -15.44
N ARG B 4 -6.91 3.93 -14.11
CA ARG B 4 -5.78 3.76 -13.23
C ARG B 4 -5.46 2.29 -13.02
N SER B 5 -4.16 2.02 -12.85
CA SER B 5 -3.69 0.65 -12.69
C SER B 5 -4.24 0.04 -11.41
N LEU B 6 -4.37 -1.28 -11.41
CA LEU B 6 -4.87 -1.99 -10.25
C LEU B 6 -3.73 -2.37 -9.32
N GLU B 8 -2.57 -4.12 -5.35
CA GLU B 8 -2.88 -5.30 -4.55
C GLU B 8 -4.14 -5.06 -3.75
N ARG B 9 -4.98 -6.08 -3.68
CA ARG B 9 -6.25 -6.01 -3.00
C ARG B 9 -6.21 -6.79 -1.69
N LEU B 10 -7.05 -6.37 -0.75
CA LEU B 10 -7.20 -7.04 0.52
C LEU B 10 -7.84 -8.41 0.33
N MET B 11 -7.64 -9.29 1.31
CA MET B 11 -8.22 -10.62 1.27
C MET B 11 -9.64 -10.56 1.85
#